data_7EVV
#
_entry.id   7EVV
#
_cell.length_a   111.350
_cell.length_b   75.200
_cell.length_c   74.740
_cell.angle_alpha   90.000
_cell.angle_beta   110.740
_cell.angle_gamma   90.000
#
_symmetry.space_group_name_H-M   'C 1 2 1'
#
loop_
_entity.id
_entity.type
_entity.pdbx_description
1 polymer 'Prolyl-tRNA synthetase (ProRS)'
2 non-polymer ~{N}-[4-[(3~{S})-3-cyano-3-cyclopropyl-2-oxidanylidene-pyrrolidin-1-yl]-6-methyl-pyridin-2-yl]-2-phenyl-ethanamide
3 non-polymer PROLINE
4 non-polymer 'CHLORIDE ION'
5 non-polymer (4S)-2-METHYL-2,4-PENTANEDIOL
6 water water
#
_entity_poly.entity_id   1
_entity_poly.type   'polypeptide(L)'
_entity_poly.pdbx_seq_one_letter_code
;GAMVTAKKDENFSEWYTQAIVRSEMIEYYDISGCYIMRPWAFHIWEKVQRFFDDEIKKMGVENSYFPMFVSRHKLEKEKD
HVEGFSPEVAWVTHYGDSPLPEKIAIRPTSETIMYPAYAKWIRSHRDLPLKLNQWCSVVRWEFKQPTPFLRTREFLWQEG
HTAHATEEEAWELVLDILELYRRWYEECLAVPVIKGEKSEGEKFAGGKKTTTVEAFIPENGRGIQAATSHLLGTNFAKMF
EIEFEDEEGHKRLVHQTSWGCTTRSLGVMIMTHGDDKGLVIPPRVASVQVVIIPILFKDENTGEILGKCRELKTMLEKAD
IRVRIDDRSNYTPGWKYNHWEVKGVPLRLELGPKDLAKGTARVVRRDTGEAYQISWADLAPKLLELMEGIQRSLFEKAKA
RLHEGIEKISTFDEVMPALNRKHLVLAPWCEDPESEEQIKKETQKLSEIQAIEAGDSEQVMTGAMKTLCIPFDQPPMPEG
TKCFYTGKPAKRWTLWGRSY
;
_entity_poly.pdbx_strand_id   A
#
loop_
_chem_comp.id
_chem_comp.type
_chem_comp.name
_chem_comp.formula
CL non-polymer 'CHLORIDE ION' 'Cl -1'
JE6 non-polymer ~{N}-[4-[(3~{S})-3-cyano-3-cyclopropyl-2-oxidanylidene-pyrrolidin-1-yl]-6-methyl-pyridin-2-yl]-2-phenyl-ethanamide 'C22 H22 N4 O2'
MPD non-polymer (4S)-2-METHYL-2,4-PENTANEDIOL 'C6 H14 O2'
#
# COMPACT_ATOMS: atom_id res chain seq x y z
N GLY A 1 22.68 15.69 -12.80
CA GLY A 1 21.68 14.91 -12.10
C GLY A 1 20.37 14.99 -12.85
N ALA A 2 19.74 13.83 -13.02
CA ALA A 2 18.43 13.74 -13.64
C ALA A 2 17.42 14.55 -12.84
N MET A 3 16.56 15.26 -13.55
CA MET A 3 15.38 15.87 -12.98
C MET A 3 14.17 15.06 -13.46
N VAL A 4 13.12 15.07 -12.66
CA VAL A 4 11.81 14.66 -13.18
C VAL A 4 11.31 15.79 -14.08
N THR A 5 11.00 15.47 -15.36
CA THR A 5 10.52 16.47 -16.32
C THR A 5 9.05 16.30 -16.73
N ALA A 6 8.50 15.11 -16.60
CA ALA A 6 7.07 14.91 -16.87
C ALA A 6 6.29 15.55 -15.74
N LYS A 7 5.13 16.14 -16.06
CA LYS A 7 4.29 16.74 -15.04
CA LYS A 7 4.27 16.75 -15.04
C LYS A 7 3.26 15.72 -14.54
N LYS A 8 3.12 15.63 -13.22
CA LYS A 8 2.26 14.64 -12.61
C LYS A 8 0.82 14.75 -13.13
N ASP A 9 0.34 15.98 -13.37
CA ASP A 9 -1.05 16.20 -13.75
C ASP A 9 -1.26 16.27 -15.26
N GLU A 10 -0.25 15.92 -16.06
CA GLU A 10 -0.35 15.95 -17.51
C GLU A 10 -0.08 14.60 -18.13
N ASN A 11 0.99 13.88 -17.74
CA ASN A 11 1.17 12.53 -18.29
C ASN A 11 1.54 11.72 -17.09
N PHE A 12 0.50 11.24 -16.39
CA PHE A 12 0.73 10.60 -15.10
C PHE A 12 1.62 9.36 -15.22
N SER A 13 1.44 8.53 -16.26
CA SER A 13 2.21 7.29 -16.32
C SER A 13 3.70 7.59 -16.51
N GLU A 14 3.99 8.56 -17.40
CA GLU A 14 5.40 8.92 -17.60
C GLU A 14 5.99 9.56 -16.34
N TRP A 15 5.23 10.41 -15.67
CA TRP A 15 5.65 10.96 -14.36
C TRP A 15 6.03 9.83 -13.38
N TYR A 16 5.15 8.85 -13.21
CA TYR A 16 5.39 7.82 -12.23
C TYR A 16 6.66 7.04 -12.56
N THR A 17 6.83 6.65 -13.83
CA THR A 17 8.03 5.97 -14.27
C THR A 17 9.29 6.81 -13.99
N GLN A 18 9.26 8.09 -14.31
CA GLN A 18 10.44 8.89 -14.05
C GLN A 18 10.70 8.99 -12.57
N ALA A 19 9.64 9.17 -11.77
CA ALA A 19 9.86 9.36 -10.34
C ALA A 19 10.48 8.12 -9.71
N ILE A 20 10.06 6.92 -10.12
CA ILE A 20 10.61 5.73 -9.45
C ILE A 20 11.94 5.28 -10.06
N VAL A 21 12.24 5.65 -11.33
CA VAL A 21 13.50 5.26 -11.90
C VAL A 21 14.57 6.26 -11.48
N ARG A 22 14.25 7.57 -11.59
CA ARG A 22 15.32 8.55 -11.38
C ARG A 22 15.68 8.69 -9.91
N SER A 23 14.79 8.28 -9.00
CA SER A 23 15.11 8.25 -7.59
C SER A 23 15.82 6.96 -7.17
N GLU A 24 16.06 6.05 -8.11
CA GLU A 24 16.73 4.79 -7.87
C GLU A 24 15.88 3.86 -6.98
N MET A 25 14.57 3.91 -7.13
CA MET A 25 13.73 2.96 -6.39
C MET A 25 13.65 1.61 -7.08
N ILE A 26 13.58 1.60 -8.43
CA ILE A 26 13.37 0.38 -9.20
C ILE A 26 14.39 0.21 -10.30
N GLU A 27 14.49 -1.05 -10.79
CA GLU A 27 15.16 -1.33 -12.05
C GLU A 27 14.33 -2.32 -12.85
N TYR A 28 14.43 -2.22 -14.18
CA TYR A 28 13.67 -3.14 -15.02
C TYR A 28 14.37 -4.47 -15.11
N TYR A 29 13.65 -5.42 -15.70
CA TYR A 29 14.07 -6.82 -15.72
C TYR A 29 13.54 -7.44 -17.00
N ASP A 30 14.19 -8.51 -17.46
CA ASP A 30 13.82 -9.07 -18.75
C ASP A 30 12.62 -10.02 -18.70
N ILE A 31 11.94 -10.19 -17.58
CA ILE A 31 10.72 -10.97 -17.52
C ILE A 31 9.57 -10.05 -17.16
N SER A 32 8.52 -10.07 -17.97
CA SER A 32 7.53 -9.01 -17.88
C SER A 32 6.76 -9.11 -16.57
N GLY A 33 6.47 -7.94 -15.98
CA GLY A 33 5.77 -7.86 -14.72
C GLY A 33 6.63 -8.08 -13.51
N CYS A 34 7.94 -8.22 -13.70
CA CYS A 34 8.90 -8.42 -12.61
C CYS A 34 9.86 -7.23 -12.63
N TYR A 35 10.12 -6.65 -11.47
CA TYR A 35 11.01 -5.48 -11.37
C TYR A 35 11.92 -5.68 -10.16
N ILE A 36 13.05 -5.02 -10.19
CA ILE A 36 14.03 -5.08 -9.11
C ILE A 36 13.71 -3.97 -8.13
N MET A 37 13.68 -4.29 -6.83
CA MET A 37 13.47 -3.28 -5.80
C MET A 37 14.85 -2.87 -5.29
N ARG A 38 15.27 -1.63 -5.57
CA ARG A 38 16.58 -1.17 -5.18
C ARG A 38 16.55 -0.65 -3.74
N PRO A 39 17.73 -0.46 -3.13
CA PRO A 39 17.73 -0.09 -1.70
C PRO A 39 16.89 1.12 -1.34
N TRP A 40 16.86 2.20 -2.15
CA TRP A 40 16.05 3.34 -1.69
C TRP A 40 14.60 2.94 -1.41
N ALA A 41 14.03 2.05 -2.22
CA ALA A 41 12.67 1.59 -1.95
C ALA A 41 12.65 0.54 -0.85
N PHE A 42 13.70 -0.31 -0.84
CA PHE A 42 13.66 -1.43 0.10
C PHE A 42 13.70 -0.89 1.53
N HIS A 43 14.41 0.20 1.78
CA HIS A 43 14.49 0.76 3.13
C HIS A 43 13.09 1.08 3.65
N ILE A 44 12.22 1.66 2.78
CA ILE A 44 10.87 2.02 3.22
C ILE A 44 10.07 0.77 3.53
N TRP A 45 10.23 -0.26 2.67
CA TRP A 45 9.60 -1.55 2.98
C TRP A 45 10.05 -2.07 4.35
N GLU A 46 11.36 -1.98 4.65
CA GLU A 46 11.81 -2.46 5.95
C GLU A 46 11.08 -1.76 7.09
N LYS A 47 10.86 -0.44 6.95
CA LYS A 47 10.21 0.30 8.04
C LYS A 47 8.78 -0.16 8.27
N VAL A 48 8.00 -0.32 7.18
CA VAL A 48 6.60 -0.74 7.39
C VAL A 48 6.55 -2.20 7.81
N GLN A 49 7.50 -3.01 7.34
CA GLN A 49 7.55 -4.40 7.78
C GLN A 49 7.79 -4.48 9.28
N ARG A 50 8.71 -3.68 9.79
CA ARG A 50 9.01 -3.70 11.19
C ARG A 50 7.83 -3.22 12.03
N PHE A 51 7.17 -2.14 11.59
CA PHE A 51 5.99 -1.65 12.28
C PHE A 51 4.96 -2.77 12.39
N PHE A 52 4.61 -3.37 11.24
CA PHE A 52 3.49 -4.33 11.28
C PHE A 52 3.92 -5.58 12.06
N ASP A 53 5.15 -6.03 11.86
CA ASP A 53 5.60 -7.27 12.55
C ASP A 53 5.58 -7.08 14.05
N ASP A 54 6.09 -5.93 14.53
CA ASP A 54 5.98 -5.64 15.97
C ASP A 54 4.52 -5.67 16.46
N GLU A 55 3.59 -5.06 15.70
CA GLU A 55 2.21 -5.02 16.15
C GLU A 55 1.56 -6.41 16.18
N ILE A 56 1.84 -7.24 15.18
CA ILE A 56 1.17 -8.55 15.25
C ILE A 56 1.85 -9.46 16.30
N LYS A 57 3.14 -9.27 16.57
CA LYS A 57 3.78 -10.04 17.66
C LYS A 57 3.07 -9.72 18.98
N LYS A 58 2.64 -8.45 19.17
CA LYS A 58 1.92 -8.11 20.40
C LYS A 58 0.58 -8.83 20.51
N MET A 59 -0.03 -9.20 19.39
CA MET A 59 -1.27 -10.00 19.34
C MET A 59 -1.01 -11.49 19.50
N GLY A 60 0.23 -11.89 19.64
CA GLY A 60 0.55 -13.32 19.78
C GLY A 60 0.69 -14.05 18.47
N VAL A 61 0.79 -13.32 17.35
CA VAL A 61 1.04 -13.99 16.08
C VAL A 61 2.54 -14.26 15.99
N GLU A 62 2.92 -15.46 15.55
CA GLU A 62 4.33 -15.79 15.43
C GLU A 62 4.68 -16.06 13.98
N ASN A 63 5.92 -15.71 13.61
CA ASN A 63 6.29 -15.94 12.22
C ASN A 63 6.72 -17.40 12.00
N SER A 64 6.75 -17.80 10.74
CA SER A 64 6.93 -19.19 10.32
C SER A 64 7.41 -19.12 8.87
N TYR A 65 7.73 -20.30 8.29
CA TYR A 65 8.00 -20.29 6.84
C TYR A 65 7.52 -21.62 6.26
N PHE A 66 6.61 -21.52 5.27
CA PHE A 66 6.01 -22.67 4.58
C PHE A 66 6.53 -22.70 3.15
N PRO A 67 6.48 -23.86 2.49
CA PRO A 67 7.14 -24.00 1.18
C PRO A 67 6.53 -23.12 0.09
N MET A 68 7.37 -22.80 -0.91
CA MET A 68 6.87 -21.97 -2.00
C MET A 68 6.10 -22.82 -3.01
N PHE A 69 6.18 -24.16 -2.92
CA PHE A 69 5.56 -25.07 -3.89
C PHE A 69 4.31 -25.71 -3.32
N VAL A 70 3.33 -25.97 -4.18
CA VAL A 70 2.09 -26.66 -3.75
C VAL A 70 1.73 -27.68 -4.81
N SER A 71 1.36 -28.90 -4.38
CA SER A 71 1.00 -29.94 -5.34
C SER A 71 -0.32 -29.62 -6.05
N ARG A 72 -0.46 -30.15 -7.28
CA ARG A 72 -1.62 -29.80 -8.10
C ARG A 72 -2.91 -30.14 -7.38
N HIS A 73 -2.96 -31.30 -6.76
CA HIS A 73 -4.20 -31.76 -6.14
C HIS A 73 -4.49 -31.04 -4.83
N LYS A 74 -3.46 -30.53 -4.14
CA LYS A 74 -3.72 -29.73 -2.95
C LYS A 74 -4.18 -28.32 -3.32
N LEU A 75 -3.63 -27.76 -4.40
CA LEU A 75 -4.06 -26.43 -4.81
C LEU A 75 -5.46 -26.48 -5.39
N GLU A 76 -5.71 -27.45 -6.26
CA GLU A 76 -7.02 -27.61 -6.90
C GLU A 76 -7.98 -28.47 -6.07
N LYS A 77 -8.05 -28.25 -4.76
CA LYS A 77 -8.91 -29.01 -3.86
C LYS A 77 -10.36 -28.56 -3.94
N PRO A 87 -4.64 -21.13 -12.96
CA PRO A 87 -5.12 -20.35 -14.11
C PRO A 87 -4.33 -19.05 -14.19
N GLU A 88 -4.00 -18.57 -12.99
CA GLU A 88 -3.15 -17.41 -12.80
C GLU A 88 -2.00 -17.95 -11.94
N VAL A 89 -1.66 -19.22 -12.17
CA VAL A 89 -0.63 -19.92 -11.40
C VAL A 89 0.58 -20.28 -12.30
N ALA A 90 1.82 -20.06 -11.79
CA ALA A 90 3.02 -20.57 -12.48
C ALA A 90 3.28 -22.03 -12.13
N TRP A 91 3.46 -22.89 -13.13
CA TRP A 91 3.63 -24.32 -12.94
C TRP A 91 5.05 -24.79 -13.24
N VAL A 92 5.65 -25.50 -12.27
CA VAL A 92 6.94 -26.15 -12.46
C VAL A 92 6.71 -27.56 -12.97
N THR A 93 7.39 -27.93 -14.05
CA THR A 93 7.19 -29.22 -14.67
C THR A 93 8.49 -29.98 -14.94
N HIS A 94 9.66 -29.38 -14.69
CA HIS A 94 10.92 -30.08 -14.96
C HIS A 94 11.99 -29.63 -13.95
N TYR A 95 12.91 -30.54 -13.63
CA TYR A 95 14.16 -30.17 -12.96
C TYR A 95 15.29 -30.60 -13.88
N GLY A 96 16.12 -29.65 -14.28
CA GLY A 96 16.88 -29.89 -15.50
C GLY A 96 15.91 -30.27 -16.62
N ASP A 97 16.25 -31.34 -17.37
CA ASP A 97 15.42 -31.84 -18.44
C ASP A 97 14.54 -33.02 -18.01
N SER A 98 14.52 -33.34 -16.72
CA SER A 98 13.75 -34.46 -16.21
C SER A 98 12.35 -34.01 -15.83
N PRO A 99 11.30 -34.49 -16.50
CA PRO A 99 9.94 -34.08 -16.13
C PRO A 99 9.60 -34.50 -14.70
N LEU A 100 8.74 -33.68 -14.03
CA LEU A 100 8.17 -34.13 -12.77
C LEU A 100 6.97 -35.04 -13.05
N PRO A 101 6.70 -36.02 -12.16
CA PRO A 101 5.56 -36.92 -12.40
C PRO A 101 4.23 -36.22 -12.27
N GLU A 102 4.17 -35.14 -11.50
CA GLU A 102 2.99 -34.33 -11.28
C GLU A 102 3.53 -32.91 -11.15
N LYS A 103 3.01 -31.99 -11.95
CA LYS A 103 3.48 -30.62 -11.90
C LYS A 103 3.18 -30.03 -10.54
N ILE A 104 3.96 -29.02 -10.14
CA ILE A 104 3.77 -28.39 -8.85
C ILE A 104 3.69 -26.90 -9.11
N ALA A 105 2.88 -26.19 -8.31
CA ALA A 105 2.63 -24.77 -8.56
C ALA A 105 3.49 -23.90 -7.65
N ILE A 106 3.84 -22.68 -8.13
CA ILE A 106 4.40 -21.70 -7.22
C ILE A 106 3.27 -21.01 -6.49
N ARG A 107 3.40 -20.82 -5.16
CA ARG A 107 2.30 -20.28 -4.35
C ARG A 107 1.80 -18.94 -4.89
N PRO A 108 0.48 -18.78 -5.09
CA PRO A 108 -0.10 -17.45 -5.25
C PRO A 108 -0.61 -16.90 -3.94
N THR A 109 -0.75 -17.82 -2.95
CA THR A 109 -1.31 -17.59 -1.60
C THR A 109 -1.15 -18.93 -0.92
N SER A 110 -1.18 -18.95 0.43
CA SER A 110 -0.70 -20.20 1.07
C SER A 110 -1.75 -20.94 1.87
N GLU A 111 -3.05 -20.65 1.71
CA GLU A 111 -4.03 -21.44 2.48
C GLU A 111 -3.88 -22.94 2.23
N THR A 112 -3.71 -23.36 0.96
CA THR A 112 -3.72 -24.81 0.71
C THR A 112 -2.38 -25.46 1.07
N ILE A 113 -1.35 -24.65 1.31
CA ILE A 113 -0.03 -25.10 1.77
C ILE A 113 -0.03 -25.28 3.28
N MET A 114 -0.68 -24.35 3.98
CA MET A 114 -0.66 -24.30 5.44
C MET A 114 -1.73 -25.17 6.07
N TYR A 115 -2.89 -25.24 5.49
CA TYR A 115 -4.03 -25.77 6.28
C TYR A 115 -4.01 -27.29 6.48
N PRO A 116 -3.40 -28.12 5.61
CA PRO A 116 -3.26 -29.54 6.04
C PRO A 116 -2.45 -29.68 7.35
N ALA A 117 -1.42 -28.84 7.51
CA ALA A 117 -0.67 -28.82 8.77
C ALA A 117 -1.55 -28.32 9.94
N TYR A 118 -2.33 -27.26 9.72
CA TYR A 118 -3.25 -26.82 10.77
C TYR A 118 -4.15 -27.95 11.22
N ALA A 119 -4.65 -28.75 10.27
CA ALA A 119 -5.51 -29.85 10.69
C ALA A 119 -4.75 -30.84 11.58
N LYS A 120 -3.45 -31.06 11.27
CA LYS A 120 -2.64 -31.98 12.13
C LYS A 120 -2.38 -31.38 13.52
N TRP A 121 -2.12 -30.08 13.59
CA TRP A 121 -1.67 -29.40 14.81
C TRP A 121 -2.78 -29.12 15.80
N ILE A 122 -3.99 -28.92 15.30
CA ILE A 122 -5.12 -28.52 16.13
C ILE A 122 -5.85 -29.78 16.57
N ARG A 123 -5.79 -30.08 17.88
CA ARG A 123 -6.47 -31.23 18.40
C ARG A 123 -7.60 -30.85 19.37
N SER A 124 -7.31 -29.93 20.28
CA SER A 124 -8.31 -29.57 21.28
C SER A 124 -8.44 -28.06 21.37
N HIS A 125 -9.42 -27.62 22.16
CA HIS A 125 -9.62 -26.18 22.33
C HIS A 125 -8.40 -25.50 22.96
N ARG A 126 -7.59 -26.25 23.73
CA ARG A 126 -6.36 -25.68 24.30
C ARG A 126 -5.31 -25.35 23.25
N ASP A 127 -5.42 -25.85 22.02
CA ASP A 127 -4.55 -25.50 20.91
C ASP A 127 -4.96 -24.21 20.23
N LEU A 128 -6.06 -23.59 20.69
CA LEU A 128 -6.57 -22.43 19.98
C LEU A 128 -6.54 -21.23 20.90
N PRO A 129 -6.35 -20.01 20.38
CA PRO A 129 -6.21 -19.73 18.95
C PRO A 129 -4.82 -19.99 18.44
N LEU A 130 -4.75 -20.40 17.19
CA LEU A 130 -3.47 -20.62 16.52
C LEU A 130 -3.26 -19.44 15.60
N LYS A 131 -2.11 -18.75 15.74
CA LYS A 131 -1.87 -17.52 14.97
C LYS A 131 -0.49 -17.54 14.34
N LEU A 132 -0.43 -17.62 12.99
CA LEU A 132 0.87 -17.65 12.31
C LEU A 132 0.89 -16.59 11.20
N ASN A 133 2.11 -16.16 10.85
CA ASN A 133 2.31 -15.19 9.77
C ASN A 133 3.56 -15.64 9.02
N GLN A 134 3.69 -15.21 7.74
CA GLN A 134 4.98 -15.35 7.13
C GLN A 134 5.21 -14.17 6.20
N TRP A 135 6.48 -13.82 6.11
CA TRP A 135 6.90 -12.75 5.16
C TRP A 135 7.60 -13.44 4.01
N CYS A 136 7.12 -13.23 2.77
CA CYS A 136 7.66 -14.01 1.65
C CYS A 136 7.24 -13.33 0.35
N SER A 137 7.60 -13.93 -0.77
CA SER A 137 7.02 -13.42 -2.00
C SER A 137 6.03 -14.45 -2.54
N VAL A 138 5.09 -13.98 -3.36
CA VAL A 138 4.16 -14.89 -4.05
C VAL A 138 4.09 -14.45 -5.51
N VAL A 139 3.49 -15.32 -6.33
CA VAL A 139 3.44 -15.14 -7.78
C VAL A 139 1.99 -15.27 -8.27
N ARG A 140 1.53 -14.26 -9.01
CA ARG A 140 0.19 -14.30 -9.59
C ARG A 140 0.40 -13.91 -11.05
N TRP A 141 0.36 -14.90 -11.91
CA TRP A 141 0.78 -14.72 -13.27
C TRP A 141 -0.21 -14.23 -14.24
N GLU A 142 -0.73 -13.06 -14.03
CA GLU A 142 -1.72 -12.49 -14.93
C GLU A 142 -1.14 -11.89 -16.25
N PHE A 143 -1.98 -11.54 -17.18
CA PHE A 143 -1.45 -11.05 -18.46
C PHE A 143 -1.82 -9.62 -18.77
N LYS A 144 -2.58 -8.98 -17.90
CA LYS A 144 -2.90 -7.60 -18.03
C LYS A 144 -1.70 -6.68 -17.74
N GLN A 145 -1.85 -5.45 -18.03
CA GLN A 145 -0.79 -4.48 -17.87
C GLN A 145 -0.25 -4.40 -16.42
N PRO A 146 1.01 -4.68 -16.21
CA PRO A 146 1.55 -4.55 -14.85
C PRO A 146 2.03 -3.14 -14.59
N THR A 147 2.18 -2.81 -13.34
CA THR A 147 2.65 -1.52 -12.97
C THR A 147 3.59 -1.75 -11.82
N PRO A 148 4.82 -1.19 -11.87
CA PRO A 148 5.72 -1.34 -10.73
C PRO A 148 5.08 -0.95 -9.41
N PHE A 149 5.35 -1.76 -8.37
CA PHE A 149 4.78 -1.68 -7.03
C PHE A 149 3.30 -2.05 -7.01
N LEU A 150 2.46 -1.44 -7.85
CA LEU A 150 1.03 -1.58 -7.62
C LEU A 150 0.47 -2.93 -8.07
N ARG A 151 0.92 -3.44 -9.18
CA ARG A 151 0.35 -4.69 -9.71
C ARG A 151 1.41 -5.45 -10.51
N THR A 152 1.97 -6.48 -9.90
CA THR A 152 3.13 -7.14 -10.49
C THR A 152 2.94 -8.65 -10.46
N ARG A 153 3.73 -9.37 -11.27
CA ARG A 153 3.63 -10.84 -11.27
C ARG A 153 4.21 -11.46 -10.01
N GLU A 154 5.32 -10.91 -9.52
CA GLU A 154 5.87 -11.39 -8.25
C GLU A 154 5.81 -10.20 -7.32
N PHE A 155 5.37 -10.37 -6.07
CA PHE A 155 5.41 -9.25 -5.11
C PHE A 155 5.75 -9.80 -3.73
N LEU A 156 6.30 -8.93 -2.88
CA LEU A 156 6.55 -9.25 -1.47
C LEU A 156 5.31 -8.96 -0.62
N TRP A 157 5.08 -9.79 0.38
CA TRP A 157 3.92 -9.54 1.22
C TRP A 157 4.16 -10.18 2.60
N GLN A 158 3.21 -9.90 3.52
CA GLN A 158 3.05 -10.88 4.60
C GLN A 158 1.70 -11.52 4.38
N GLU A 159 1.54 -12.77 4.89
CA GLU A 159 0.19 -13.33 4.97
C GLU A 159 0.05 -13.94 6.35
N GLY A 160 -1.02 -13.55 7.05
CA GLY A 160 -1.35 -14.09 8.37
C GLY A 160 -2.53 -15.02 8.24
N HIS A 161 -2.53 -16.06 9.10
CA HIS A 161 -3.55 -17.10 9.04
C HIS A 161 -3.83 -17.50 10.48
N THR A 162 -5.08 -17.31 10.95
CA THR A 162 -5.40 -17.68 12.31
C THR A 162 -6.61 -18.61 12.35
N ALA A 163 -6.70 -19.36 13.46
CA ALA A 163 -7.80 -20.28 13.70
C ALA A 163 -8.26 -20.14 15.14
N HIS A 164 -9.59 -20.15 15.33
CA HIS A 164 -10.22 -19.83 16.61
C HIS A 164 -11.36 -20.79 16.91
N ALA A 165 -11.72 -20.87 18.21
CA ALA A 165 -12.81 -21.76 18.61
C ALA A 165 -14.19 -21.22 18.26
N THR A 166 -14.33 -19.90 18.04
CA THR A 166 -15.64 -19.29 17.76
C THR A 166 -15.50 -18.27 16.62
N GLU A 167 -16.66 -18.03 15.99
CA GLU A 167 -16.68 -17.04 14.90
C GLU A 167 -16.46 -15.65 15.44
N GLU A 168 -16.98 -15.38 16.62
CA GLU A 168 -16.86 -14.05 17.21
C GLU A 168 -15.41 -13.66 17.45
N GLU A 169 -14.61 -14.57 17.97
CA GLU A 169 -13.21 -14.25 18.19
C GLU A 169 -12.44 -14.13 16.87
N ALA A 170 -12.79 -14.94 15.87
CA ALA A 170 -12.14 -14.80 14.55
C ALA A 170 -12.47 -13.43 13.91
N TRP A 171 -13.73 -13.01 14.00
CA TRP A 171 -14.13 -11.74 13.41
C TRP A 171 -13.50 -10.59 14.16
N GLU A 172 -13.42 -10.69 15.49
CA GLU A 172 -12.68 -9.67 16.24
C GLU A 172 -11.25 -9.50 15.72
N LEU A 173 -10.56 -10.61 15.45
CA LEU A 173 -9.20 -10.51 14.93
C LEU A 173 -9.17 -9.91 13.52
N VAL A 174 -10.13 -10.30 12.66
CA VAL A 174 -10.18 -9.72 11.28
C VAL A 174 -10.14 -8.20 11.36
N LEU A 175 -10.98 -7.66 12.25
CA LEU A 175 -11.11 -6.20 12.40
C LEU A 175 -9.91 -5.57 13.09
N ASP A 176 -9.30 -6.26 14.07
CA ASP A 176 -8.04 -5.76 14.64
C ASP A 176 -6.94 -5.66 13.59
N ILE A 177 -6.83 -6.67 12.71
CA ILE A 177 -5.82 -6.62 11.64
C ILE A 177 -6.17 -5.49 10.67
N LEU A 178 -7.44 -5.38 10.28
CA LEU A 178 -7.82 -4.30 9.35
C LEU A 178 -7.44 -2.93 9.91
N GLU A 179 -7.59 -2.75 11.24
CA GLU A 179 -7.12 -1.53 11.89
C GLU A 179 -5.60 -1.39 11.82
N LEU A 180 -4.83 -2.50 11.92
CA LEU A 180 -3.38 -2.35 11.71
C LEU A 180 -3.07 -1.92 10.29
N TYR A 181 -3.87 -2.40 9.33
CA TYR A 181 -3.60 -1.96 7.95
C TYR A 181 -3.97 -0.49 7.77
N ARG A 182 -5.04 -0.04 8.40
CA ARG A 182 -5.32 1.39 8.38
C ARG A 182 -4.13 2.17 8.95
N ARG A 183 -3.50 1.65 10.01
CA ARG A 183 -2.35 2.37 10.58
C ARG A 183 -1.14 2.27 9.67
N TRP A 184 -0.92 1.12 9.04
CA TRP A 184 0.16 1.01 8.06
C TRP A 184 0.03 2.13 7.01
N TYR A 185 -1.18 2.30 6.45
CA TYR A 185 -1.29 3.32 5.39
C TYR A 185 -1.37 4.74 5.97
N GLU A 186 -2.22 4.97 6.96
CA GLU A 186 -2.49 6.35 7.37
C GLU A 186 -1.40 6.89 8.29
N GLU A 187 -0.94 6.08 9.24
CA GLU A 187 0.01 6.58 10.24
CA GLU A 187 0.01 6.54 10.25
C GLU A 187 1.44 6.47 9.75
N CYS A 188 1.76 5.42 8.98
CA CYS A 188 3.15 5.33 8.51
C CYS A 188 3.32 6.04 7.17
N LEU A 189 2.42 5.76 6.21
CA LEU A 189 2.62 6.27 4.84
C LEU A 189 1.81 7.53 4.52
N ALA A 190 1.02 8.04 5.49
CA ALA A 190 0.19 9.25 5.34
C ALA A 190 -0.75 9.14 4.14
N VAL A 191 -1.25 7.94 3.89
CA VAL A 191 -2.22 7.70 2.82
C VAL A 191 -3.60 7.44 3.46
N PRO A 192 -4.63 8.22 3.16
CA PRO A 192 -5.98 7.92 3.71
C PRO A 192 -6.58 6.72 3.00
N VAL A 193 -7.32 5.89 3.76
CA VAL A 193 -7.98 4.73 3.19
C VAL A 193 -9.41 4.65 3.75
N ILE A 194 -10.25 3.88 3.06
CA ILE A 194 -11.66 3.67 3.45
C ILE A 194 -11.81 2.18 3.83
N LYS A 195 -12.27 1.90 5.05
CA LYS A 195 -12.56 0.52 5.44
C LYS A 195 -13.94 0.11 4.90
N GLY A 196 -14.04 -1.15 4.44
CA GLY A 196 -15.34 -1.61 4.04
C GLY A 196 -15.33 -3.10 3.82
N GLU A 197 -16.47 -3.62 3.38
CA GLU A 197 -16.60 -5.03 3.06
C GLU A 197 -16.64 -5.22 1.55
N LYS A 198 -15.98 -6.26 1.04
CA LYS A 198 -16.12 -6.54 -0.40
C LYS A 198 -17.49 -7.11 -0.74
N SER A 199 -17.95 -6.83 -1.95
CA SER A 199 -19.16 -7.43 -2.48
C SER A 199 -18.99 -8.93 -2.66
N GLU A 200 -20.12 -9.64 -2.83
CA GLU A 200 -20.04 -11.11 -2.93
C GLU A 200 -19.20 -11.53 -4.12
N GLY A 201 -19.30 -10.81 -5.25
CA GLY A 201 -18.44 -11.13 -6.37
C GLY A 201 -16.96 -10.78 -6.18
N GLU A 202 -16.61 -9.93 -5.21
CA GLU A 202 -15.22 -9.53 -5.08
C GLU A 202 -14.54 -10.17 -3.89
N LYS A 203 -15.28 -10.93 -3.08
CA LYS A 203 -14.66 -11.43 -1.87
C LYS A 203 -13.79 -12.64 -2.18
N PHE A 204 -12.90 -12.96 -1.25
CA PHE A 204 -11.95 -14.06 -1.43
C PHE A 204 -12.66 -15.37 -1.71
N ALA A 205 -12.19 -16.11 -2.71
CA ALA A 205 -12.82 -17.36 -3.09
C ALA A 205 -12.81 -18.33 -1.91
N GLY A 206 -13.99 -18.83 -1.57
CA GLY A 206 -14.10 -19.75 -0.45
C GLY A 206 -14.34 -19.11 0.91
N GLY A 207 -14.09 -17.82 1.05
CA GLY A 207 -14.27 -17.19 2.35
C GLY A 207 -15.73 -16.86 2.63
N LYS A 208 -15.99 -16.43 3.87
CA LYS A 208 -17.32 -16.02 4.33
C LYS A 208 -17.52 -14.52 4.09
N LYS A 209 -16.60 -13.72 4.61
CA LYS A 209 -16.69 -12.27 4.42
C LYS A 209 -15.29 -11.66 4.31
N THR A 210 -15.06 -10.77 3.32
CA THR A 210 -13.79 -10.13 3.10
C THR A 210 -13.93 -8.65 3.44
N THR A 211 -13.07 -8.17 4.30
CA THR A 211 -12.96 -6.74 4.62
C THR A 211 -11.70 -6.19 3.94
N THR A 212 -11.74 -4.87 3.68
CA THR A 212 -10.67 -4.28 2.89
C THR A 212 -10.44 -2.83 3.34
N VAL A 213 -9.26 -2.28 3.03
CA VAL A 213 -9.05 -0.84 3.03
C VAL A 213 -8.75 -0.48 1.58
N GLU A 214 -9.44 0.54 1.09
CA GLU A 214 -9.34 0.95 -0.32
C GLU A 214 -8.70 2.32 -0.35
N ALA A 215 -7.86 2.54 -1.36
CA ALA A 215 -7.22 3.84 -1.57
C ALA A 215 -7.64 4.38 -2.94
N PHE A 216 -7.22 5.61 -3.23
CA PHE A 216 -7.70 6.32 -4.44
C PHE A 216 -6.53 7.04 -5.09
N ILE A 217 -6.38 6.90 -6.42
CA ILE A 217 -5.35 7.63 -7.18
C ILE A 217 -6.05 8.71 -7.99
N PRO A 218 -6.00 9.99 -7.53
CA PRO A 218 -6.77 11.03 -8.19
C PRO A 218 -6.37 11.26 -9.61
N GLU A 219 -5.10 11.04 -9.97
CA GLU A 219 -4.66 11.47 -11.29
C GLU A 219 -5.22 10.61 -12.40
N ASN A 220 -5.52 9.34 -12.14
CA ASN A 220 -6.21 8.56 -13.16
C ASN A 220 -7.59 8.07 -12.71
N GLY A 221 -8.05 8.48 -11.53
CA GLY A 221 -9.36 8.22 -11.04
C GLY A 221 -9.56 6.84 -10.48
N ARG A 222 -8.51 6.10 -10.23
CA ARG A 222 -8.64 4.65 -9.97
C ARG A 222 -8.65 4.32 -8.54
N GLY A 223 -9.57 3.48 -8.08
CA GLY A 223 -9.41 2.97 -6.75
C GLY A 223 -8.45 1.79 -6.78
N ILE A 224 -8.02 1.38 -5.59
CA ILE A 224 -7.12 0.25 -5.50
C ILE A 224 -7.26 -0.37 -4.11
N GLN A 225 -7.28 -1.69 -4.07
CA GLN A 225 -7.36 -2.36 -2.77
C GLN A 225 -5.99 -2.29 -2.06
N ALA A 226 -5.94 -1.60 -0.92
CA ALA A 226 -4.66 -1.37 -0.24
C ALA A 226 -4.22 -2.59 0.61
N ALA A 227 -5.16 -3.34 1.18
CA ALA A 227 -4.82 -4.52 2.03
C ALA A 227 -6.14 -5.24 2.29
N THR A 228 -6.05 -6.48 2.82
CA THR A 228 -7.29 -7.23 2.88
C THR A 228 -7.26 -8.13 4.12
N SER A 229 -8.45 -8.32 4.71
CA SER A 229 -8.53 -9.18 5.91
C SER A 229 -9.83 -9.98 5.82
N HIS A 230 -9.71 -11.31 5.78
CA HIS A 230 -10.85 -12.18 5.43
C HIS A 230 -11.30 -12.97 6.66
N LEU A 231 -12.60 -12.98 6.89
CA LEU A 231 -13.19 -14.04 7.73
C LEU A 231 -13.44 -15.24 6.83
N LEU A 232 -12.63 -16.27 6.96
CA LEU A 232 -12.86 -17.49 6.24
C LEU A 232 -13.97 -18.30 6.86
N GLY A 233 -14.29 -18.05 8.15
CA GLY A 233 -15.39 -18.80 8.75
C GLY A 233 -14.95 -20.27 8.92
N THR A 234 -15.87 -21.22 8.70
CA THR A 234 -15.55 -22.65 8.77
C THR A 234 -15.40 -23.26 7.39
N ASN A 235 -15.39 -22.45 6.32
CA ASN A 235 -15.39 -23.03 4.97
C ASN A 235 -14.11 -23.82 4.71
N PHE A 236 -12.97 -23.19 5.00
CA PHE A 236 -11.69 -23.88 4.80
C PHE A 236 -11.51 -25.01 5.82
N ALA A 237 -12.08 -24.87 7.01
CA ALA A 237 -11.99 -25.92 8.00
C ALA A 237 -12.70 -27.17 7.52
N LYS A 238 -13.82 -26.99 6.80
CA LYS A 238 -14.51 -28.15 6.26
C LYS A 238 -13.70 -28.77 5.13
N MET A 239 -13.13 -27.93 4.27
CA MET A 239 -12.32 -28.45 3.16
C MET A 239 -11.12 -29.25 3.67
N PHE A 240 -10.48 -28.78 4.73
CA PHE A 240 -9.25 -29.39 5.22
C PHE A 240 -9.42 -30.22 6.47
N GLU A 241 -10.66 -30.43 6.90
CA GLU A 241 -10.95 -31.22 8.11
C GLU A 241 -10.16 -30.70 9.32
N ILE A 242 -10.28 -29.41 9.57
CA ILE A 242 -9.63 -28.76 10.70
C ILE A 242 -10.65 -28.67 11.82
N GLU A 243 -10.57 -29.57 12.80
CA GLU A 243 -11.55 -29.65 13.89
C GLU A 243 -10.83 -29.69 15.23
N PHE A 244 -11.52 -29.28 16.29
CA PHE A 244 -10.99 -29.38 17.65
C PHE A 244 -12.01 -29.98 18.59
N GLU A 245 -11.51 -30.57 19.67
CA GLU A 245 -12.36 -31.12 20.74
C GLU A 245 -12.57 -30.08 21.83
N ASP A 246 -13.82 -29.88 22.23
CA ASP A 246 -14.04 -29.21 23.50
C ASP A 246 -13.65 -30.10 24.67
N GLU A 247 -13.92 -29.61 25.88
CA GLU A 247 -13.45 -30.29 27.06
C GLU A 247 -14.18 -31.62 27.30
N GLU A 248 -15.40 -31.76 26.79
CA GLU A 248 -16.08 -33.05 26.90
C GLU A 248 -15.84 -33.93 25.70
N GLY A 249 -15.14 -33.47 24.67
CA GLY A 249 -14.68 -34.35 23.62
C GLY A 249 -15.41 -34.23 22.30
N HIS A 250 -16.42 -33.36 22.22
CA HIS A 250 -17.14 -33.14 20.95
C HIS A 250 -16.32 -32.33 19.96
N LYS A 251 -16.33 -32.79 18.71
CA LYS A 251 -15.52 -32.12 17.68
C LYS A 251 -16.30 -31.01 17.03
N ARG A 252 -15.60 -29.89 16.79
CA ARG A 252 -16.19 -28.70 16.18
C ARG A 252 -15.22 -28.20 15.14
N LEU A 253 -15.75 -27.55 14.09
CA LEU A 253 -14.84 -26.90 13.14
C LEU A 253 -14.23 -25.62 13.71
N VAL A 254 -13.00 -25.33 13.33
CA VAL A 254 -12.39 -24.06 13.72
C VAL A 254 -12.93 -22.94 12.81
N HIS A 255 -12.75 -21.70 13.26
CA HIS A 255 -13.15 -20.49 12.51
C HIS A 255 -11.87 -19.73 12.18
N GLN A 256 -11.69 -19.42 10.90
CA GLN A 256 -10.41 -18.98 10.40
C GLN A 256 -10.46 -17.56 9.81
N THR A 257 -9.27 -16.96 9.86
CA THR A 257 -9.00 -15.70 9.15
C THR A 257 -7.72 -15.88 8.31
N SER A 258 -7.64 -15.02 7.29
CA SER A 258 -6.37 -14.79 6.66
C SER A 258 -6.35 -13.34 6.18
N TRP A 259 -5.11 -12.82 6.03
CA TRP A 259 -5.01 -11.37 5.80
C TRP A 259 -3.66 -11.06 5.20
N GLY A 260 -3.61 -10.09 4.28
CA GLY A 260 -2.29 -9.82 3.72
C GLY A 260 -2.21 -8.39 3.23
N CYS A 261 -0.96 -7.87 3.24
CA CYS A 261 -0.54 -6.50 2.84
C CYS A 261 0.77 -6.61 2.03
N THR A 262 0.94 -5.83 0.94
CA THR A 262 2.06 -6.08 0.02
C THR A 262 2.84 -4.77 -0.26
N THR A 263 3.86 -4.95 -1.11
CA THR A 263 4.66 -3.81 -1.54
C THR A 263 3.83 -2.84 -2.42
N ARG A 264 2.62 -3.22 -2.77
CA ARG A 264 1.68 -2.23 -3.37
C ARG A 264 1.61 -0.96 -2.53
N SER A 265 1.76 -1.10 -1.23
CA SER A 265 1.65 0.03 -0.37
C SER A 265 2.64 1.17 -0.75
N LEU A 266 3.85 0.81 -1.10
CA LEU A 266 4.86 1.79 -1.44
C LEU A 266 4.43 2.58 -2.68
N GLY A 267 3.88 1.89 -3.64
CA GLY A 267 3.43 2.53 -4.85
C GLY A 267 2.32 3.53 -4.56
N VAL A 268 1.40 3.12 -3.69
CA VAL A 268 0.34 4.01 -3.34
C VAL A 268 0.96 5.25 -2.70
N MET A 269 1.86 5.05 -1.76
CA MET A 269 2.50 6.19 -1.13
C MET A 269 3.13 7.10 -2.17
N ILE A 270 3.86 6.55 -3.10
CA ILE A 270 4.57 7.33 -4.06
C ILE A 270 3.61 8.19 -4.87
N MET A 271 2.53 7.58 -5.31
CA MET A 271 1.60 8.30 -6.14
C MET A 271 0.82 9.35 -5.36
N THR A 272 0.64 9.11 -4.09
CA THR A 272 -0.17 10.03 -3.28
C THR A 272 0.59 11.32 -3.05
N HIS A 273 1.88 11.22 -2.70
CA HIS A 273 2.57 12.41 -2.22
C HIS A 273 3.50 13.02 -3.25
N GLY A 274 3.81 12.34 -4.32
CA GLY A 274 4.80 12.89 -5.24
C GLY A 274 4.35 14.17 -5.90
N ASP A 275 5.31 14.90 -6.44
CA ASP A 275 5.01 16.17 -7.10
C ASP A 275 5.89 16.30 -8.33
N ASP A 276 5.86 17.49 -8.97
CA ASP A 276 6.58 17.56 -10.24
C ASP A 276 8.09 17.46 -10.08
N LYS A 277 8.63 17.65 -8.86
CA LYS A 277 10.06 17.48 -8.64
C LYS A 277 10.45 16.01 -8.41
N GLY A 278 9.49 15.15 -8.10
CA GLY A 278 9.86 13.75 -7.85
C GLY A 278 9.13 13.23 -6.63
N LEU A 279 9.79 12.34 -5.93
CA LEU A 279 9.21 11.72 -4.73
C LEU A 279 9.10 12.71 -3.59
N VAL A 280 8.12 12.48 -2.73
CA VAL A 280 8.03 13.09 -1.42
C VAL A 280 7.76 11.92 -0.48
N ILE A 281 8.67 11.63 0.44
CA ILE A 281 8.52 10.48 1.34
CA ILE A 281 8.52 10.47 1.35
C ILE A 281 8.11 10.99 2.71
N PRO A 282 7.02 10.48 3.29
CA PRO A 282 6.64 10.90 4.64
C PRO A 282 7.78 10.69 5.60
N PRO A 283 7.99 11.63 6.52
CA PRO A 283 9.11 11.51 7.47
C PRO A 283 9.09 10.23 8.31
N ARG A 284 7.93 9.67 8.65
CA ARG A 284 7.96 8.48 9.47
C ARG A 284 8.62 7.29 8.78
N VAL A 285 8.66 7.25 7.44
CA VAL A 285 9.30 6.11 6.79
C VAL A 285 10.50 6.51 5.92
N ALA A 286 10.88 7.78 5.89
CA ALA A 286 12.01 8.17 5.04
C ALA A 286 13.31 7.60 5.57
N SER A 287 14.12 7.01 4.69
CA SER A 287 15.32 6.40 5.26
C SER A 287 16.34 7.46 5.63
N VAL A 288 16.35 8.58 4.90
CA VAL A 288 17.01 9.80 5.32
C VAL A 288 15.94 10.86 5.58
N GLN A 289 15.85 11.32 6.81
CA GLN A 289 14.88 12.35 7.17
C GLN A 289 15.43 13.75 6.92
N VAL A 290 16.68 13.95 7.25
CA VAL A 290 17.38 15.23 7.09
C VAL A 290 18.66 14.98 6.29
N VAL A 291 18.87 15.71 5.17
CA VAL A 291 20.15 15.64 4.48
C VAL A 291 20.84 16.97 4.78
N ILE A 292 22.09 16.92 5.26
CA ILE A 292 22.84 18.13 5.57
C ILE A 292 23.74 18.41 4.39
N ILE A 293 23.63 19.62 3.83
CA ILE A 293 24.43 20.00 2.68
C ILE A 293 25.38 21.12 3.09
N PRO A 294 26.67 20.84 3.24
CA PRO A 294 27.63 21.91 3.57
C PRO A 294 27.90 22.73 2.32
N ILE A 295 28.05 24.04 2.48
CA ILE A 295 28.47 24.90 1.38
C ILE A 295 29.98 24.96 1.47
N LEU A 296 30.67 24.50 0.42
CA LEU A 296 32.13 24.31 0.40
C LEU A 296 32.79 25.19 -0.68
N PHE A 297 33.04 26.44 -0.36
CA PHE A 297 33.88 27.28 -1.23
C PHE A 297 35.35 26.91 -1.08
N LYS A 298 36.13 27.31 -2.06
CA LYS A 298 37.55 27.11 -1.98
C LYS A 298 38.11 28.03 -0.92
N ASP A 299 37.60 29.23 -0.83
CA ASP A 299 38.13 30.27 0.04
C ASP A 299 37.32 30.30 1.35
N GLU A 300 37.27 29.15 2.04
CA GLU A 300 36.62 29.08 3.34
C GLU A 300 37.36 28.06 4.22
N ASN A 301 37.03 28.06 5.51
CA ASN A 301 37.59 27.04 6.42
C ASN A 301 36.70 25.82 6.30
N THR A 302 36.99 24.99 5.30
CA THR A 302 36.07 23.89 5.01
C THR A 302 36.05 22.91 6.17
N GLY A 303 37.19 22.74 6.87
CA GLY A 303 37.23 21.82 8.01
C GLY A 303 36.34 22.25 9.17
N GLU A 304 36.18 23.57 9.34
CA GLU A 304 35.28 24.06 10.37
C GLU A 304 33.81 23.87 9.97
N ILE A 305 33.49 24.12 8.70
CA ILE A 305 32.11 23.87 8.25
C ILE A 305 31.74 22.40 8.36
N LEU A 306 32.64 21.50 7.88
CA LEU A 306 32.36 20.07 7.93
C LEU A 306 32.33 19.59 9.37
N GLY A 307 33.19 20.15 10.23
CA GLY A 307 33.16 19.80 11.64
C GLY A 307 31.83 20.15 12.29
N LYS A 308 31.29 21.32 11.96
CA LYS A 308 29.97 21.66 12.49
C LYS A 308 28.88 20.76 11.93
N CYS A 309 28.94 20.42 10.64
CA CYS A 309 27.94 19.49 10.10
C CYS A 309 27.98 18.18 10.85
N ARG A 310 29.17 17.69 11.16
CA ARG A 310 29.27 16.46 11.98
C ARG A 310 28.67 16.64 13.38
N GLU A 311 28.95 17.76 14.03
CA GLU A 311 28.34 17.99 15.35
C GLU A 311 26.81 18.03 15.29
N LEU A 312 26.25 18.74 14.29
CA LEU A 312 24.77 18.76 14.15
C LEU A 312 24.22 17.38 13.87
N LYS A 313 24.91 16.61 13.03
CA LYS A 313 24.46 15.23 12.78
C LYS A 313 24.42 14.43 14.10
N THR A 314 25.47 14.53 14.90
CA THR A 314 25.45 13.77 16.18
C THR A 314 24.31 14.24 17.08
N MET A 315 24.08 15.56 17.12
CA MET A 315 23.03 16.11 17.97
C MET A 315 21.65 15.65 17.51
N LEU A 316 21.43 15.62 16.20
CA LEU A 316 20.13 15.15 15.71
C LEU A 316 19.95 13.65 15.96
N GLU A 317 21.00 12.85 15.77
CA GLU A 317 20.88 11.41 16.00
C GLU A 317 20.58 11.09 17.45
N LYS A 318 20.97 11.96 18.39
CA LYS A 318 20.54 11.74 19.78
C LYS A 318 19.03 11.75 19.95
N ALA A 319 18.31 12.47 19.06
CA ALA A 319 16.85 12.46 19.05
C ALA A 319 16.29 11.44 18.09
N ASP A 320 17.13 10.52 17.60
CA ASP A 320 16.76 9.42 16.70
C ASP A 320 16.39 9.89 15.31
N ILE A 321 16.82 11.11 14.92
CA ILE A 321 16.58 11.59 13.55
C ILE A 321 17.60 10.94 12.62
N ARG A 322 17.13 10.50 11.44
CA ARG A 322 17.96 9.80 10.46
C ARG A 322 18.61 10.83 9.53
N VAL A 323 19.92 10.96 9.63
CA VAL A 323 20.65 12.08 9.00
C VAL A 323 21.72 11.56 8.08
N ARG A 324 21.90 12.21 6.90
CA ARG A 324 23.07 11.94 6.06
C ARG A 324 23.73 13.28 5.75
N ILE A 325 25.06 13.33 5.72
CA ILE A 325 25.76 14.54 5.26
C ILE A 325 26.21 14.27 3.84
N ASP A 326 25.83 15.15 2.90
CA ASP A 326 26.31 15.00 1.52
C ASP A 326 27.44 16.00 1.32
N ASP A 327 28.66 15.56 1.63
CA ASP A 327 29.85 16.40 1.51
C ASP A 327 30.64 16.13 0.21
N ARG A 328 30.01 15.56 -0.82
CA ARG A 328 30.73 15.37 -2.08
C ARG A 328 31.23 16.67 -2.66
N SER A 329 32.54 16.72 -2.99
CA SER A 329 33.12 17.93 -3.56
C SER A 329 32.91 18.07 -5.05
N ASN A 330 32.43 17.05 -5.76
CA ASN A 330 32.36 17.14 -7.21
C ASN A 330 30.99 17.53 -7.75
N TYR A 331 30.05 17.89 -6.88
CA TYR A 331 28.75 18.41 -7.29
C TYR A 331 28.50 19.69 -6.52
N THR A 332 27.73 20.59 -7.14
CA THR A 332 27.36 21.85 -6.51
C THR A 332 26.19 21.68 -5.55
N PRO A 333 25.99 22.65 -4.65
CA PRO A 333 24.81 22.59 -3.79
C PRO A 333 23.54 22.49 -4.59
N GLY A 334 23.42 23.29 -5.67
CA GLY A 334 22.22 23.20 -6.50
C GLY A 334 21.94 21.80 -7.01
N TRP A 335 23.00 21.09 -7.44
CA TRP A 335 22.86 19.74 -7.93
C TRP A 335 22.38 18.85 -6.80
N LYS A 336 22.96 19.01 -5.60
CA LYS A 336 22.55 18.17 -4.46
C LYS A 336 21.12 18.48 -4.03
N TYR A 337 20.71 19.75 -4.09
CA TYR A 337 19.32 20.08 -3.77
C TYR A 337 18.37 19.27 -4.63
N ASN A 338 18.61 19.28 -5.94
CA ASN A 338 17.77 18.51 -6.84
C ASN A 338 17.87 17.01 -6.55
N HIS A 339 19.09 16.51 -6.33
CA HIS A 339 19.31 15.08 -6.12
C HIS A 339 18.45 14.54 -4.98
N TRP A 340 18.51 15.21 -3.83
CA TRP A 340 17.75 14.73 -2.68
C TRP A 340 16.26 15.11 -2.77
N GLU A 341 15.90 16.14 -3.57
CA GLU A 341 14.48 16.41 -3.81
C GLU A 341 13.85 15.27 -4.62
N VAL A 342 14.54 14.83 -5.67
CA VAL A 342 14.04 13.75 -6.51
C VAL A 342 13.84 12.50 -5.68
N LYS A 343 14.74 12.29 -4.74
CA LYS A 343 14.63 11.11 -3.85
C LYS A 343 13.65 11.28 -2.70
N GLY A 344 13.07 12.46 -2.54
CA GLY A 344 11.99 12.61 -1.58
C GLY A 344 12.43 12.84 -0.16
N VAL A 345 13.67 13.29 0.07
CA VAL A 345 14.07 13.53 1.48
C VAL A 345 13.26 14.69 2.05
N PRO A 346 12.58 14.54 3.20
CA PRO A 346 11.61 15.55 3.61
C PRO A 346 12.24 16.88 4.10
N LEU A 347 13.51 16.87 4.55
CA LEU A 347 14.12 18.11 5.07
C LEU A 347 15.54 18.20 4.57
N ARG A 348 15.91 19.38 4.08
CA ARG A 348 17.31 19.66 3.77
C ARG A 348 17.82 20.73 4.73
N LEU A 349 19.03 20.54 5.24
CA LEU A 349 19.68 21.49 6.14
C LEU A 349 20.93 21.99 5.43
N GLU A 350 21.04 23.31 5.24
CA GLU A 350 22.14 23.95 4.57
C GLU A 350 23.00 24.68 5.59
N LEU A 351 24.32 24.49 5.47
CA LEU A 351 25.24 25.13 6.40
C LEU A 351 26.46 25.67 5.66
N GLY A 352 26.59 26.99 5.66
CA GLY A 352 27.74 27.67 5.06
C GLY A 352 28.43 28.57 6.07
N PRO A 353 29.45 29.30 5.62
CA PRO A 353 30.15 30.21 6.55
C PRO A 353 29.26 31.25 7.23
N LYS A 354 28.28 31.79 6.51
CA LYS A 354 27.39 32.79 7.09
C LYS A 354 26.64 32.21 8.27
N ASP A 355 26.11 31.01 8.06
CA ASP A 355 25.37 30.27 9.09
C ASP A 355 26.23 29.98 10.30
N LEU A 356 27.45 29.47 10.04
CA LEU A 356 28.39 29.25 11.13
C LEU A 356 28.55 30.49 11.96
N ALA A 357 28.70 31.64 11.30
CA ALA A 357 28.95 32.85 12.05
C ALA A 357 27.76 33.24 12.91
N LYS A 358 26.54 32.94 12.45
CA LYS A 358 25.30 33.26 13.20
C LYS A 358 24.86 32.17 14.19
N GLY A 359 25.45 30.99 14.17
CA GLY A 359 24.95 29.90 14.99
C GLY A 359 23.58 29.41 14.62
N THR A 360 23.25 29.43 13.33
CA THR A 360 21.95 28.97 12.85
C THR A 360 22.16 28.03 11.66
N ALA A 361 21.05 27.45 11.19
CA ALA A 361 21.09 26.60 9.99
C ALA A 361 19.86 26.95 9.17
N ARG A 362 19.95 26.77 7.86
CA ARG A 362 18.79 26.99 7.00
C ARG A 362 18.15 25.63 6.71
N VAL A 363 16.86 25.48 6.98
CA VAL A 363 16.17 24.21 6.79
C VAL A 363 15.05 24.41 5.76
N VAL A 364 14.96 23.54 4.78
CA VAL A 364 13.96 23.67 3.71
C VAL A 364 13.12 22.38 3.68
N ARG A 365 11.78 22.54 3.76
CA ARG A 365 10.93 21.35 3.78
C ARG A 365 10.52 21.00 2.35
N ARG A 366 10.50 19.70 2.07
CA ARG A 366 10.34 19.21 0.71
C ARG A 366 8.90 19.37 0.22
N ASP A 367 7.92 19.30 1.12
CA ASP A 367 6.53 19.22 0.63
C ASP A 367 6.08 20.58 0.13
N THR A 368 6.50 21.66 0.79
CA THR A 368 6.07 23.03 0.44
C THR A 368 7.20 23.93 -0.06
N GLY A 369 8.46 23.59 0.17
CA GLY A 369 9.59 24.42 -0.17
C GLY A 369 9.84 25.53 0.81
N GLU A 370 9.08 25.58 1.90
CA GLU A 370 9.25 26.69 2.83
C GLU A 370 10.57 26.51 3.57
N ALA A 371 11.25 27.63 3.80
CA ALA A 371 12.57 27.64 4.43
C ALA A 371 12.46 28.32 5.79
N TYR A 372 13.25 27.82 6.75
CA TYR A 372 13.30 28.31 8.13
C TYR A 372 14.76 28.56 8.50
N GLN A 373 15.03 29.55 9.36
CA GLN A 373 16.34 29.68 9.98
C GLN A 373 16.18 29.26 11.44
N ILE A 374 16.96 28.27 11.87
CA ILE A 374 16.79 27.72 13.19
C ILE A 374 18.12 27.72 13.91
N SER A 375 18.11 28.16 15.18
CA SER A 375 19.35 28.16 15.96
C SER A 375 19.76 26.72 16.26
N TRP A 376 21.07 26.50 16.39
CA TRP A 376 21.56 25.14 16.65
C TRP A 376 20.93 24.54 17.92
N ALA A 377 20.75 25.35 18.96
CA ALA A 377 20.16 24.82 20.20
C ALA A 377 18.73 24.33 19.99
N ASP A 378 17.96 25.02 19.16
CA ASP A 378 16.58 24.69 18.85
C ASP A 378 16.45 23.57 17.84
N LEU A 379 17.55 23.17 17.20
CA LEU A 379 17.43 22.34 16.00
C LEU A 379 16.69 21.04 16.27
N ALA A 380 17.13 20.25 17.25
CA ALA A 380 16.50 18.93 17.39
C ALA A 380 15.00 19.02 17.71
N PRO A 381 14.56 19.82 18.70
CA PRO A 381 13.09 19.88 18.97
C PRO A 381 12.32 20.45 17.80
N LYS A 382 12.87 21.48 17.15
N LYS A 382 12.88 21.47 17.13
CA LYS A 382 12.16 22.10 16.05
CA LYS A 382 12.12 22.08 16.06
C LYS A 382 12.04 21.16 14.87
C LYS A 382 12.05 21.17 14.85
N LEU A 383 13.09 20.38 14.57
CA LEU A 383 13.01 19.47 13.44
C LEU A 383 11.94 18.42 13.79
N LEU A 384 12.00 17.87 14.99
CA LEU A 384 10.97 16.87 15.32
C LEU A 384 9.57 17.45 15.09
N GLU A 385 9.35 18.69 15.53
CA GLU A 385 8.05 19.33 15.34
C GLU A 385 7.73 19.50 13.85
N LEU A 386 8.75 19.87 13.10
CA LEU A 386 8.64 20.08 11.66
C LEU A 386 8.32 18.78 10.91
N MET A 387 8.89 17.66 11.37
CA MET A 387 8.62 16.41 10.68
C MET A 387 7.20 15.91 11.01
N GLU A 388 6.75 16.11 12.25
CA GLU A 388 5.37 15.77 12.56
C GLU A 388 4.39 16.64 11.77
N GLY A 389 4.74 17.91 11.55
CA GLY A 389 3.89 18.79 10.75
C GLY A 389 3.83 18.41 9.28
N ILE A 390 4.96 18.04 8.70
CA ILE A 390 5.02 17.53 7.34
C ILE A 390 4.18 16.27 7.20
N GLN A 391 4.36 15.32 8.13
CA GLN A 391 3.61 14.06 8.08
C GLN A 391 2.10 14.34 8.11
N ARG A 392 1.69 15.19 9.05
CA ARG A 392 0.28 15.55 9.19
C ARG A 392 -0.25 16.28 7.95
N SER A 393 0.54 17.21 7.41
CA SER A 393 0.13 17.97 6.24
C SER A 393 0.00 17.07 5.00
N LEU A 394 0.94 16.15 4.79
CA LEU A 394 0.82 15.19 3.69
C LEU A 394 -0.49 14.40 3.81
N PHE A 395 -0.78 13.88 5.01
CA PHE A 395 -2.00 13.13 5.20
C PHE A 395 -3.25 13.98 4.95
N GLU A 396 -3.35 15.17 5.58
CA GLU A 396 -4.54 15.98 5.45
C GLU A 396 -4.81 16.40 4.00
N LYS A 397 -3.76 16.79 3.27
CA LYS A 397 -3.93 17.13 1.86
C LYS A 397 -4.40 15.92 1.03
N ALA A 398 -3.84 14.73 1.30
CA ALA A 398 -4.31 13.55 0.57
C ALA A 398 -5.76 13.22 0.91
N LYS A 399 -6.13 13.37 2.18
CA LYS A 399 -7.51 13.10 2.60
C LYS A 399 -8.47 14.07 1.95
N ALA A 400 -8.07 15.35 1.81
CA ALA A 400 -8.95 16.28 1.12
C ALA A 400 -9.15 15.87 -0.33
N ARG A 401 -8.09 15.36 -1.00
CA ARG A 401 -8.23 14.92 -2.40
C ARG A 401 -9.10 13.67 -2.50
N LEU A 402 -8.97 12.77 -1.53
CA LEU A 402 -9.88 11.62 -1.45
C LEU A 402 -11.32 12.07 -1.38
N HIS A 403 -11.62 12.99 -0.46
CA HIS A 403 -13.00 13.43 -0.29
C HIS A 403 -13.51 14.12 -1.55
N GLU A 404 -12.69 14.96 -2.17
CA GLU A 404 -13.09 15.65 -3.38
C GLU A 404 -13.27 14.69 -4.56
N GLY A 405 -12.74 13.48 -4.46
CA GLY A 405 -12.80 12.52 -5.53
C GLY A 405 -13.98 11.58 -5.50
N ILE A 406 -14.91 11.75 -4.58
CA ILE A 406 -16.02 10.80 -4.41
C ILE A 406 -17.31 11.59 -4.59
N GLU A 407 -18.16 11.16 -5.52
CA GLU A 407 -19.44 11.78 -5.77
C GLU A 407 -20.55 10.83 -5.29
N LYS A 408 -21.47 11.37 -4.55
CA LYS A 408 -22.66 10.64 -4.12
C LYS A 408 -23.74 10.74 -5.19
N ILE A 409 -24.18 9.61 -5.73
CA ILE A 409 -25.15 9.64 -6.82
C ILE A 409 -26.39 8.82 -6.42
N SER A 410 -27.49 9.03 -7.17
CA SER A 410 -28.75 8.33 -7.01
C SER A 410 -29.05 7.33 -8.12
N THR A 411 -28.50 7.51 -9.32
CA THR A 411 -28.99 6.78 -10.47
C THR A 411 -27.84 6.52 -11.43
N PHE A 412 -27.99 5.46 -12.22
CA PHE A 412 -26.90 5.02 -13.09
C PHE A 412 -26.58 6.04 -14.16
N ASP A 413 -27.59 6.81 -14.62
CA ASP A 413 -27.39 7.93 -15.53
C ASP A 413 -26.29 8.88 -15.10
N GLU A 414 -25.98 8.95 -13.80
CA GLU A 414 -24.95 9.86 -13.30
C GLU A 414 -23.57 9.24 -13.31
N VAL A 415 -23.46 7.95 -13.67
CA VAL A 415 -22.17 7.29 -13.50
C VAL A 415 -21.14 7.83 -14.49
N MET A 416 -21.46 7.84 -15.80
CA MET A 416 -20.43 8.16 -16.77
C MET A 416 -19.94 9.59 -16.60
N PRO A 417 -20.79 10.58 -16.31
CA PRO A 417 -20.24 11.92 -16.03
C PRO A 417 -19.25 11.95 -14.89
N ALA A 418 -19.52 11.16 -13.82
CA ALA A 418 -18.61 11.14 -12.68
C ALA A 418 -17.31 10.44 -13.03
N LEU A 419 -17.38 9.32 -13.75
CA LEU A 419 -16.14 8.65 -14.12
C LEU A 419 -15.34 9.55 -15.08
N ASN A 420 -16.02 10.40 -15.85
CA ASN A 420 -15.31 11.28 -16.80
C ASN A 420 -14.57 12.37 -16.07
N ARG A 421 -15.00 12.68 -14.87
CA ARG A 421 -14.30 13.58 -13.99
C ARG A 421 -13.26 12.86 -13.14
N LYS A 422 -12.96 11.58 -13.47
CA LYS A 422 -11.98 10.76 -12.74
C LYS A 422 -12.34 10.68 -11.25
N HIS A 423 -13.63 10.51 -10.98
CA HIS A 423 -14.14 10.34 -9.62
C HIS A 423 -14.65 8.93 -9.36
N LEU A 424 -14.69 8.59 -8.07
CA LEU A 424 -15.42 7.44 -7.54
C LEU A 424 -16.86 7.83 -7.31
N VAL A 425 -17.76 6.84 -7.25
CA VAL A 425 -19.15 7.17 -6.96
C VAL A 425 -19.60 6.34 -5.76
N LEU A 426 -20.41 6.97 -4.93
CA LEU A 426 -21.03 6.29 -3.80
C LEU A 426 -22.50 6.22 -4.13
N ALA A 427 -23.03 5.00 -4.25
CA ALA A 427 -24.39 4.88 -4.77
C ALA A 427 -25.19 3.90 -3.92
N PRO A 428 -26.51 4.07 -3.82
CA PRO A 428 -27.34 3.06 -3.14
C PRO A 428 -27.43 1.82 -4.01
N TRP A 429 -27.22 0.66 -3.40
CA TRP A 429 -27.15 -0.55 -4.21
C TRP A 429 -27.90 -1.67 -3.49
N CYS A 430 -28.58 -2.50 -4.28
CA CYS A 430 -29.33 -3.68 -3.81
C CYS A 430 -28.44 -4.87 -3.56
N GLU A 431 -27.17 -4.79 -3.97
CA GLU A 431 -26.12 -5.75 -3.68
C GLU A 431 -26.30 -7.09 -4.40
N ASP A 432 -27.16 -7.14 -5.41
CA ASP A 432 -27.33 -8.33 -6.27
C ASP A 432 -26.05 -8.59 -7.05
N PRO A 433 -25.39 -9.73 -6.93
CA PRO A 433 -24.13 -10.00 -7.67
C PRO A 433 -24.19 -9.87 -9.17
N GLU A 434 -25.36 -10.25 -9.68
CA GLU A 434 -25.57 -10.15 -11.10
C GLU A 434 -25.54 -8.71 -11.54
N SER A 435 -26.09 -7.81 -10.77
CA SER A 435 -26.06 -6.44 -11.11
C SER A 435 -24.61 -5.91 -11.25
N GLU A 436 -23.70 -6.33 -10.38
CA GLU A 436 -22.34 -5.89 -10.51
C GLU A 436 -21.76 -6.39 -11.81
N GLU A 437 -22.01 -7.63 -12.16
CA GLU A 437 -21.46 -8.07 -13.43
C GLU A 437 -21.96 -7.24 -14.64
N GLN A 438 -23.24 -6.93 -14.64
CA GLN A 438 -23.83 -6.13 -15.74
C GLN A 438 -23.26 -4.71 -15.76
N ILE A 439 -23.10 -4.08 -14.58
CA ILE A 439 -22.51 -2.74 -14.49
C ILE A 439 -21.09 -2.72 -15.04
N LYS A 440 -20.28 -3.72 -14.68
CA LYS A 440 -18.92 -3.81 -15.22
C LYS A 440 -18.96 -3.83 -16.76
N LYS A 441 -19.83 -4.69 -17.32
CA LYS A 441 -19.83 -4.82 -18.79
C LYS A 441 -20.35 -3.55 -19.46
N GLU A 442 -21.36 -2.92 -18.87
CA GLU A 442 -21.94 -1.73 -19.47
C GLU A 442 -20.99 -0.54 -19.39
N THR A 443 -20.35 -0.35 -18.25
CA THR A 443 -19.43 0.76 -18.13
C THR A 443 -18.23 0.55 -18.99
N GLN A 444 -17.84 -0.68 -19.18
CA GLN A 444 -16.76 -0.94 -20.03
C GLN A 444 -17.07 -0.57 -21.48
N LYS A 445 -18.24 -0.94 -21.95
CA LYS A 445 -18.53 -0.65 -23.36
C LYS A 445 -18.72 0.86 -23.59
N LEU A 446 -19.34 1.57 -22.64
CA LEU A 446 -19.43 3.03 -22.77
C LEU A 446 -18.04 3.68 -22.74
N SER A 447 -17.11 3.12 -21.94
CA SER A 447 -15.75 3.68 -21.93
C SER A 447 -15.06 3.48 -23.28
N GLU A 448 -15.31 2.34 -23.95
CA GLU A 448 -14.62 2.13 -25.24
C GLU A 448 -15.11 3.15 -26.25
N ILE A 449 -16.43 3.35 -26.29
CA ILE A 449 -16.99 4.39 -27.17
C ILE A 449 -16.33 5.73 -26.90
N GLN A 450 -16.32 6.13 -25.63
CA GLN A 450 -15.73 7.40 -25.30
C GLN A 450 -14.31 7.49 -25.79
N ALA A 451 -13.55 6.39 -25.68
CA ALA A 451 -12.14 6.44 -26.08
C ALA A 451 -12.03 6.72 -27.58
N ILE A 452 -12.97 6.18 -28.34
CA ILE A 452 -12.96 6.42 -29.79
C ILE A 452 -13.33 7.87 -30.11
N GLU A 453 -14.27 8.46 -29.35
CA GLU A 453 -14.52 9.91 -29.55
C GLU A 453 -13.34 10.76 -29.11
N ALA A 454 -12.47 10.21 -28.26
CA ALA A 454 -11.29 10.90 -27.78
C ALA A 454 -10.13 10.87 -28.79
N GLY A 455 -10.20 10.00 -29.80
CA GLY A 455 -9.04 9.72 -30.62
C GLY A 455 -7.91 9.08 -29.82
N ASP A 456 -8.23 8.22 -28.86
CA ASP A 456 -7.23 7.60 -27.97
C ASP A 456 -6.70 6.25 -28.45
N GLN A 459 -5.42 3.91 -22.35
CA GLN A 459 -5.79 2.86 -23.28
C GLN A 459 -5.13 1.54 -22.98
N VAL A 460 -4.68 1.32 -21.75
CA VAL A 460 -4.04 0.07 -21.46
C VAL A 460 -4.71 -0.71 -20.35
N MET A 461 -5.48 -0.03 -19.54
CA MET A 461 -6.26 -0.70 -18.49
C MET A 461 -7.74 -0.61 -18.79
N THR A 462 -8.51 -1.51 -18.23
CA THR A 462 -9.93 -1.54 -18.51
C THR A 462 -10.70 -0.32 -18.05
N GLY A 463 -11.67 0.11 -18.85
CA GLY A 463 -12.60 1.14 -18.42
C GLY A 463 -13.74 0.67 -17.50
N ALA A 464 -13.82 -0.61 -17.13
CA ALA A 464 -14.97 -1.08 -16.34
C ALA A 464 -14.98 -0.44 -14.95
N MET A 465 -16.18 -0.11 -14.47
CA MET A 465 -16.37 0.33 -13.10
C MET A 465 -16.79 -0.89 -12.28
N LYS A 466 -16.12 -1.12 -11.18
CA LYS A 466 -16.58 -2.22 -10.33
C LYS A 466 -16.83 -1.70 -8.91
N THR A 467 -17.35 -2.56 -8.03
CA THR A 467 -17.37 -2.14 -6.64
C THR A 467 -15.97 -2.12 -6.06
N LEU A 468 -15.71 -1.14 -5.21
CA LEU A 468 -14.47 -1.10 -4.41
C LEU A 468 -14.72 -1.64 -3.02
N CYS A 469 -15.69 -1.09 -2.29
CA CYS A 469 -16.02 -1.53 -0.91
C CYS A 469 -17.35 -1.00 -0.38
N ILE A 470 -18.13 -1.86 0.30
CA ILE A 470 -19.32 -1.31 0.96
C ILE A 470 -18.82 -0.69 2.27
N PRO A 471 -18.74 0.63 2.37
CA PRO A 471 -17.96 1.21 3.46
C PRO A 471 -18.60 0.94 4.79
N PHE A 472 -17.76 0.73 5.81
CA PHE A 472 -18.29 0.56 7.17
C PHE A 472 -19.09 1.78 7.58
N ASP A 473 -18.57 2.98 7.29
CA ASP A 473 -19.26 4.21 7.69
C ASP A 473 -20.32 4.55 6.66
N GLN A 474 -21.57 4.32 7.02
CA GLN A 474 -22.65 4.35 6.09
C GLN A 474 -23.44 5.64 6.27
N PRO A 475 -23.60 6.44 5.22
CA PRO A 475 -24.60 7.57 5.26
C PRO A 475 -26.00 7.07 5.55
N PRO A 476 -26.89 7.95 6.05
CA PRO A 476 -28.28 7.55 6.24
C PRO A 476 -28.89 7.02 4.95
N MET A 477 -29.70 5.99 5.10
CA MET A 477 -30.49 5.41 4.01
C MET A 477 -31.99 5.72 4.15
N PRO A 478 -32.51 6.76 3.49
CA PRO A 478 -33.96 7.06 3.59
C PRO A 478 -34.89 5.91 3.19
N GLU A 479 -36.08 5.91 3.80
CA GLU A 479 -37.01 4.78 3.75
C GLU A 479 -37.17 4.11 2.38
N GLY A 480 -37.54 4.85 1.35
CA GLY A 480 -37.84 4.16 0.11
C GLY A 480 -36.72 4.17 -0.93
N THR A 481 -35.47 4.32 -0.51
CA THR A 481 -34.42 4.59 -1.49
C THR A 481 -34.24 3.39 -2.42
N LYS A 482 -34.29 3.63 -3.74
CA LYS A 482 -34.11 2.57 -4.72
C LYS A 482 -32.63 2.37 -5.08
N CYS A 483 -32.29 1.15 -5.53
CA CYS A 483 -30.97 0.88 -6.10
C CYS A 483 -30.76 1.69 -7.37
N PHE A 484 -29.50 2.18 -7.58
CA PHE A 484 -29.20 3.08 -8.70
C PHE A 484 -29.20 2.41 -10.06
N TYR A 485 -29.12 1.10 -10.10
CA TYR A 485 -29.04 0.37 -11.35
C TYR A 485 -30.27 -0.47 -11.64
N THR A 486 -30.78 -1.18 -10.61
CA THR A 486 -31.95 -2.05 -10.76
C THR A 486 -33.27 -1.38 -10.39
N GLY A 487 -33.26 -0.30 -9.61
CA GLY A 487 -34.52 0.21 -9.11
C GLY A 487 -35.16 -0.60 -8.00
N LYS A 488 -34.58 -1.74 -7.62
CA LYS A 488 -35.06 -2.53 -6.51
C LYS A 488 -34.72 -1.78 -5.23
N PRO A 489 -35.23 -2.22 -4.09
CA PRO A 489 -34.88 -1.55 -2.84
C PRO A 489 -33.38 -1.61 -2.62
N ALA A 490 -32.79 -0.45 -2.41
CA ALA A 490 -31.36 -0.42 -2.14
C ALA A 490 -31.09 -0.91 -0.73
N LYS A 491 -29.98 -1.61 -0.55
CA LYS A 491 -29.68 -2.05 0.79
C LYS A 491 -28.63 -1.19 1.47
N ARG A 492 -27.51 -0.87 0.78
CA ARG A 492 -26.45 -0.13 1.44
C ARG A 492 -25.79 0.78 0.41
N TRP A 493 -25.06 1.79 0.90
CA TRP A 493 -24.31 2.67 0.00
C TRP A 493 -23.04 1.90 -0.35
N THR A 494 -22.67 1.91 -1.62
CA THR A 494 -21.50 1.13 -2.04
C THR A 494 -20.60 2.07 -2.83
N LEU A 495 -19.28 1.93 -2.64
CA LEU A 495 -18.31 2.76 -3.35
C LEU A 495 -17.92 2.00 -4.62
N TRP A 496 -17.94 2.69 -5.77
CA TRP A 496 -17.63 2.10 -7.06
C TRP A 496 -16.56 2.95 -7.75
N GLY A 497 -15.78 2.33 -8.62
CA GLY A 497 -14.93 3.17 -9.47
C GLY A 497 -14.19 2.30 -10.48
N ARG A 498 -13.52 2.96 -11.42
CA ARG A 498 -12.50 2.23 -12.12
C ARG A 498 -11.42 1.83 -11.12
N SER A 499 -10.65 0.82 -11.46
CA SER A 499 -9.72 0.38 -10.43
C SER A 499 -8.52 -0.35 -11.00
N TYR A 500 -7.56 -0.59 -10.11
CA TYR A 500 -6.44 -1.50 -10.38
C TYR A 500 -6.86 -2.91 -10.00
C4 JE6 B . -1.71 -8.20 -6.67
C14 JE6 B . -3.85 -8.49 -4.84
C5 JE6 B . -0.66 -8.06 -7.55
C6 JE6 B . -1.52 -9.42 -9.41
C11 JE6 B . -1.53 -7.48 -14.03
C7 JE6 B . -1.05 -10.10 -10.68
C8 JE6 B . -1.22 -9.17 -11.87
C9 JE6 B . -0.14 -8.77 -12.61
C10 JE6 B . -0.30 -7.94 -13.69
C12 JE6 B . -2.61 -7.86 -13.30
C13 JE6 B . -2.46 -8.71 -12.22
C3 JE6 B . -1.65 -7.50 -5.47
C1 JE6 B . 0.46 -6.63 -6.14
C15 JE6 B . -4.83 -8.17 -3.74
C16 JE6 B . -3.90 -7.75 -2.58
C17 JE6 B . -4.53 -6.87 -1.61
C18 JE6 B . -3.25 -8.97 -1.86
C19 JE6 B . -2.89 -8.92 -0.42
C2 JE6 B . -0.55 -6.72 -5.20
C20 JE6 B . -3.99 -9.81 -0.87
C21 JE6 B . -2.75 -7.14 -3.25
O1 JE6 B . -2.02 -6.31 -2.80
N JE6 B . -0.57 -8.76 -8.76
C JE6 B . 1.68 -5.82 -5.90
O JE6 B . -2.68 -9.46 -9.07
N1 JE6 B . 0.40 -7.28 -7.30
N2 JE6 B . -2.69 -7.63 -4.52
N3 JE6 B . -5.00 -6.15 -0.88
N PRO C . -4.43 -15.06 1.37
CA PRO C . -5.40 -13.95 1.34
C PRO C . -5.34 -13.25 -0.01
O PRO C . -4.52 -13.67 -0.84
CB PRO C . -4.89 -13.02 2.45
CG PRO C . -3.34 -13.34 2.48
CD PRO C . -3.35 -14.85 2.35
OXT PRO C . -6.15 -12.33 -0.24
CL CL D . 12.25 -10.54 9.24
C1 MPD E . 7.31 -6.29 -7.00
C2 MPD E . 8.58 -5.79 -6.34
O2 MPD E . 8.23 -5.73 -4.92
CM MPD E . 9.63 -6.88 -6.48
C3 MPD E . 9.26 -4.51 -6.76
C4 MPD E . 8.77 -3.73 -7.99
O4 MPD E . 7.40 -3.82 -8.15
C5 MPD E . 9.10 -2.25 -7.95
C1 MPD F . -19.52 -10.94 9.96
C2 MPD F . -20.33 -11.46 11.15
O2 MPD F . -20.82 -10.31 11.90
CM MPD F . -21.52 -12.24 10.62
C3 MPD F . -19.50 -12.34 12.08
C4 MPD F . -19.79 -12.03 13.58
O4 MPD F . -21.07 -11.45 13.74
C5 MPD F . -19.68 -13.25 14.52
#